data_2QKS
#
_entry.id   2QKS
#
_cell.length_a   98.416
_cell.length_b   98.416
_cell.length_c   92.624
_cell.angle_alpha   90.00
_cell.angle_beta   90.00
_cell.angle_gamma   90.00
#
_symmetry.space_group_name_H-M   'P 4'
#
loop_
_entity.id
_entity.type
_entity.pdbx_description
1 polymer 'Kir3.1-prokaryotic Kir channel chimera'
2 non-polymer 'nonyl beta-D-glucopyranoside'
3 non-polymer 'POTASSIUM ION'
4 water water
#
_entity_poly.entity_id   1
_entity_poly.type   'polypeptide(L)'
_entity_poly.pdbx_seq_one_letter_code
;GSKKRQRFVDKNGRCNVQHGNLGSETSRYLSDLFTTLVDLKWRWFFVSLAVLFLLLNTAFATLYMLGSAPIANQFPAGFG
GAFFFSVETLATVGYGDMHPQTVYAHWIATLEIFVGMSSIALATGCAFIKMSQPKKRAETLMFSEHAVISMRDGKLTLMF
RVGNLRNSHMVSAQIRCKLLKSRQTPEGEFLPLDQLELDVGFSTGADQLFLVSPLTICHVIDAKSPFYDLSQRSMQTEQF
EVVVILEGIVETTGMTCQARTSYTEDEVLWGHRFFPVISLEEGFFKVDYSQFHATFEVPTPPYSVKEQEEMLLMSSPLVP
R
;
_entity_poly.pdbx_strand_id   A,B
#
# COMPACT_ATOMS: atom_id res chain seq x y z
N LYS A 3 -0.63 21.75 -28.01
CA LYS A 3 -0.80 20.60 -27.08
C LYS A 3 -0.65 21.03 -25.62
N LYS A 4 0.45 20.64 -25.01
CA LYS A 4 0.71 20.99 -23.62
C LYS A 4 1.50 22.29 -23.52
N ARG A 5 1.43 22.91 -22.36
CA ARG A 5 2.13 24.17 -22.08
C ARG A 5 3.62 23.99 -22.40
N GLN A 6 4.36 25.09 -22.45
CA GLN A 6 5.79 25.04 -22.73
C GLN A 6 6.58 24.84 -21.44
N ARG A 7 7.26 23.70 -21.32
CA ARG A 7 8.03 23.42 -20.13
C ARG A 7 9.43 23.99 -20.29
N PHE A 8 10.05 24.33 -19.18
CA PHE A 8 11.38 24.91 -19.21
C PHE A 8 12.48 23.87 -19.38
N VAL A 9 12.21 22.65 -18.90
CA VAL A 9 13.19 21.57 -19.00
C VAL A 9 12.46 20.34 -19.53
N ASP A 10 13.03 19.69 -20.55
CA ASP A 10 12.41 18.50 -21.11
C ASP A 10 12.69 17.31 -20.22
N LYS A 11 11.90 16.25 -20.38
CA LYS A 11 12.04 15.04 -19.58
C LYS A 11 13.46 14.48 -19.69
N ASN A 12 14.11 14.74 -20.81
CA ASN A 12 15.48 14.24 -21.02
C ASN A 12 16.55 15.17 -20.43
N GLY A 13 16.12 16.26 -19.79
CA GLY A 13 17.08 17.18 -19.18
C GLY A 13 17.44 18.41 -19.99
N ARG A 14 16.98 18.44 -21.23
CA ARG A 14 17.26 19.56 -22.13
C ARG A 14 16.49 20.82 -21.73
N CYS A 15 17.21 21.93 -21.58
CA CYS A 15 16.58 23.19 -21.22
C CYS A 15 16.14 23.95 -22.46
N ASN A 16 14.89 24.39 -22.46
CA ASN A 16 14.33 25.13 -23.58
C ASN A 16 14.48 26.63 -23.39
N VAL A 17 15.74 27.07 -23.32
CA VAL A 17 16.00 28.49 -23.14
C VAL A 17 16.68 29.03 -24.39
N GLN A 18 16.56 30.33 -24.58
CA GLN A 18 17.17 30.99 -25.72
C GLN A 18 17.64 32.35 -25.20
N HIS A 19 18.92 32.64 -25.40
CA HIS A 19 19.46 33.91 -24.94
C HIS A 19 19.22 34.99 -25.99
N GLY A 20 19.53 36.24 -25.65
CA GLY A 20 19.33 37.33 -26.58
C GLY A 20 20.62 37.88 -27.17
N ASN A 21 20.49 38.87 -28.05
CA ASN A 21 21.64 39.50 -28.70
C ASN A 21 22.27 40.54 -27.78
N TYR A 29 37.59 30.03 -29.03
CA TYR A 29 38.57 29.20 -29.74
C TYR A 29 38.12 27.74 -29.81
N LEU A 30 37.44 27.40 -30.91
CA LEU A 30 36.91 26.07 -31.17
C LEU A 30 35.95 25.62 -30.07
N SER A 31 35.72 26.52 -29.13
CA SER A 31 34.82 26.28 -28.01
C SER A 31 33.55 25.52 -28.38
N ASP A 32 32.85 25.98 -29.42
CA ASP A 32 31.61 25.35 -29.86
C ASP A 32 31.83 24.04 -30.62
N LEU A 33 32.68 24.08 -31.64
CA LEU A 33 32.95 22.90 -32.44
C LEU A 33 33.77 21.85 -31.67
N PHE A 34 34.33 22.27 -30.53
CA PHE A 34 35.12 21.38 -29.70
C PHE A 34 34.26 20.26 -29.11
N THR A 35 33.20 20.67 -28.43
CA THR A 35 32.29 19.71 -27.81
C THR A 35 31.70 18.81 -28.89
N THR A 36 31.46 19.39 -30.06
CA THR A 36 30.89 18.66 -31.18
C THR A 36 31.79 17.47 -31.51
N LEU A 37 33.07 17.76 -31.76
CA LEU A 37 34.04 16.72 -32.08
C LEU A 37 34.03 15.66 -30.99
N VAL A 38 34.18 16.09 -29.74
CA VAL A 38 34.19 15.18 -28.61
C VAL A 38 32.87 14.41 -28.50
N ASP A 39 31.76 15.10 -28.72
CA ASP A 39 30.45 14.48 -28.66
C ASP A 39 30.31 13.34 -29.65
N LEU A 40 30.90 13.52 -30.84
CA LEU A 40 30.84 12.51 -31.89
C LEU A 40 31.16 11.11 -31.40
N LYS A 41 30.58 10.11 -32.05
CA LYS A 41 30.85 8.72 -31.71
C LYS A 41 32.28 8.46 -32.21
N TRP A 42 32.97 7.50 -31.62
CA TRP A 42 34.33 7.19 -32.01
C TRP A 42 34.54 7.01 -33.51
N ARG A 43 33.70 6.20 -34.15
CA ARG A 43 33.83 5.97 -35.58
C ARG A 43 33.81 7.28 -36.38
N TRP A 44 33.00 8.24 -35.94
CA TRP A 44 32.93 9.50 -36.66
C TRP A 44 34.01 10.47 -36.17
N PHE A 45 34.55 10.20 -34.99
CA PHE A 45 35.61 11.03 -34.43
C PHE A 45 36.84 10.79 -35.31
N PHE A 46 37.16 9.52 -35.53
CA PHE A 46 38.31 9.16 -36.35
C PHE A 46 38.08 9.47 -37.82
N VAL A 47 36.89 9.17 -38.33
CA VAL A 47 36.61 9.48 -39.73
C VAL A 47 36.77 10.98 -39.90
N SER A 48 36.56 11.71 -38.82
CA SER A 48 36.68 13.16 -38.83
C SER A 48 38.16 13.56 -38.85
N LEU A 49 38.97 12.89 -38.05
CA LEU A 49 40.41 13.18 -38.02
C LEU A 49 41.05 12.78 -39.35
N ALA A 50 40.57 11.68 -39.92
CA ALA A 50 41.09 11.19 -41.19
C ALA A 50 40.90 12.26 -42.27
N VAL A 51 39.75 12.92 -42.24
CA VAL A 51 39.45 13.97 -43.21
C VAL A 51 40.45 15.12 -43.08
N LEU A 52 40.69 15.56 -41.85
CA LEU A 52 41.64 16.66 -41.64
C LEU A 52 43.03 16.25 -42.13
N PHE A 53 43.39 15.00 -41.84
CA PHE A 53 44.67 14.43 -42.23
C PHE A 53 44.84 14.53 -43.74
N LEU A 54 43.84 14.05 -44.48
CA LEU A 54 43.88 14.10 -45.93
C LEU A 54 43.94 15.54 -46.46
N LEU A 55 43.19 16.43 -45.83
CA LEU A 55 43.18 17.84 -46.24
C LEU A 55 44.53 18.50 -46.01
N LEU A 56 45.10 18.30 -44.82
CA LEU A 56 46.40 18.87 -44.52
C LEU A 56 47.46 18.36 -45.51
N ASN A 57 47.37 17.08 -45.84
CA ASN A 57 48.32 16.46 -46.76
C ASN A 57 48.11 16.96 -48.18
N THR A 58 46.86 17.21 -48.54
CA THR A 58 46.55 17.73 -49.87
C THR A 58 47.14 19.14 -49.95
N ALA A 59 47.01 19.88 -48.86
CA ALA A 59 47.50 21.25 -48.79
C ALA A 59 49.02 21.35 -48.89
N PHE A 60 49.75 20.57 -48.09
CA PHE A 60 51.20 20.63 -48.13
C PHE A 60 51.71 20.06 -49.45
N ALA A 61 50.99 19.09 -50.01
CA ALA A 61 51.37 18.50 -51.29
C ALA A 61 51.39 19.59 -52.37
N THR A 62 50.39 20.45 -52.36
CA THR A 62 50.32 21.53 -53.35
C THR A 62 51.45 22.51 -53.13
N LEU A 63 51.81 22.76 -51.87
CA LEU A 63 52.90 23.69 -51.58
C LEU A 63 54.22 23.18 -52.16
N TYR A 64 54.49 21.89 -52.00
CA TYR A 64 55.73 21.32 -52.52
C TYR A 64 55.75 21.48 -54.03
N MET A 65 54.60 21.23 -54.67
CA MET A 65 54.50 21.34 -56.12
C MET A 65 54.82 22.74 -56.66
N LEU A 66 54.76 23.76 -55.81
CA LEU A 66 55.06 25.13 -56.24
C LEU A 66 56.55 25.30 -56.57
N GLY A 67 57.38 24.40 -56.06
CA GLY A 67 58.80 24.47 -56.33
C GLY A 67 59.14 23.47 -57.41
N SER A 68 60.36 23.55 -57.95
CA SER A 68 60.76 22.61 -58.99
C SER A 68 61.63 21.48 -58.41
N ALA A 69 61.31 20.25 -58.79
CA ALA A 69 62.02 19.06 -58.32
C ALA A 69 62.38 19.21 -56.84
N PRO A 70 61.37 19.51 -56.01
CA PRO A 70 61.58 19.68 -54.57
C PRO A 70 61.95 18.41 -53.84
N ILE A 71 61.44 17.28 -54.33
CA ILE A 71 61.64 15.98 -53.68
C ILE A 71 62.46 14.96 -54.44
N ALA A 72 63.49 14.42 -53.78
CA ALA A 72 64.34 13.40 -54.36
C ALA A 72 63.47 12.16 -54.59
N ASN A 73 63.76 11.43 -55.65
CA ASN A 73 63.04 10.20 -55.99
C ASN A 73 61.52 10.32 -55.84
N GLN A 74 60.97 11.47 -56.23
CA GLN A 74 59.53 11.69 -56.12
C GLN A 74 58.74 10.61 -56.84
N PHE A 75 57.98 9.83 -56.10
CA PHE A 75 57.17 8.79 -56.71
C PHE A 75 55.79 8.66 -56.06
N PRO A 76 54.72 8.70 -56.88
CA PRO A 76 54.86 8.84 -58.33
C PRO A 76 55.20 10.28 -58.69
N ALA A 77 55.62 10.50 -59.93
CA ALA A 77 55.96 11.85 -60.38
C ALA A 77 54.69 12.69 -60.27
N GLY A 78 54.85 13.99 -60.05
CA GLY A 78 53.68 14.85 -59.93
C GLY A 78 53.08 14.91 -58.53
N PHE A 79 51.85 15.41 -58.45
CA PHE A 79 51.13 15.59 -57.19
C PHE A 79 51.10 14.37 -56.27
N GLY A 80 50.92 13.18 -56.86
CA GLY A 80 50.85 11.97 -56.07
C GLY A 80 52.05 11.75 -55.16
N GLY A 81 53.25 11.92 -55.71
CA GLY A 81 54.45 11.74 -54.92
C GLY A 81 54.56 12.81 -53.84
N ALA A 82 54.16 14.03 -54.17
CA ALA A 82 54.21 15.13 -53.22
C ALA A 82 53.26 14.83 -52.06
N PHE A 83 52.14 14.18 -52.38
CA PHE A 83 51.13 13.82 -51.38
C PHE A 83 51.67 12.77 -50.41
N PHE A 84 52.25 11.69 -50.95
CA PHE A 84 52.76 10.64 -50.09
C PHE A 84 53.97 11.09 -49.29
N PHE A 85 54.76 12.00 -49.85
CA PHE A 85 55.91 12.50 -49.13
C PHE A 85 55.40 13.35 -47.96
N SER A 86 54.32 14.08 -48.23
CA SER A 86 53.68 14.92 -47.23
C SER A 86 53.23 14.03 -46.08
N VAL A 87 52.59 12.91 -46.42
CA VAL A 87 52.10 11.97 -45.44
C VAL A 87 53.21 11.50 -44.49
N GLU A 88 54.33 11.05 -45.04
CA GLU A 88 55.44 10.55 -44.23
C GLU A 88 56.08 11.69 -43.42
N THR A 89 55.87 12.91 -43.87
CA THR A 89 56.43 14.09 -43.20
C THR A 89 55.52 14.58 -42.06
N LEU A 90 54.24 14.80 -42.35
CA LEU A 90 53.26 15.28 -41.37
C LEU A 90 53.18 14.35 -40.16
N ALA A 91 53.22 13.04 -40.40
CA ALA A 91 53.16 12.05 -39.33
C ALA A 91 54.52 11.71 -38.73
N THR A 92 55.57 12.37 -39.21
CA THR A 92 56.95 12.18 -38.76
C THR A 92 57.49 10.75 -38.93
N VAL A 93 57.02 10.06 -39.97
CA VAL A 93 57.50 8.71 -40.28
C VAL A 93 58.91 8.84 -40.91
N GLY A 94 59.02 9.68 -41.93
CA GLY A 94 60.31 9.93 -42.57
C GLY A 94 61.06 8.75 -43.19
N TYR A 95 60.40 7.99 -44.05
CA TYR A 95 61.06 6.87 -44.74
C TYR A 95 62.35 7.43 -45.33
N GLY A 96 62.26 8.64 -45.90
CA GLY A 96 63.44 9.27 -46.44
C GLY A 96 63.87 8.90 -47.85
N ASP A 97 63.25 7.90 -48.49
CA ASP A 97 63.66 7.59 -49.85
C ASP A 97 63.34 8.88 -50.61
N MET A 98 62.15 9.41 -50.37
CA MET A 98 61.80 10.71 -50.93
C MET A 98 62.23 11.62 -49.76
N HIS A 99 62.85 12.75 -50.06
CA HIS A 99 63.27 13.68 -49.01
C HIS A 99 63.51 15.03 -49.66
N PRO A 100 63.51 16.10 -48.85
CA PRO A 100 63.74 17.45 -49.39
C PRO A 100 65.05 17.51 -50.16
N GLN A 101 64.99 18.10 -51.35
CA GLN A 101 66.15 18.22 -52.24
C GLN A 101 66.56 19.68 -52.47
N THR A 102 65.68 20.60 -52.08
CA THR A 102 65.95 22.03 -52.25
C THR A 102 65.70 22.77 -50.94
N VAL A 103 66.28 23.97 -50.81
CA VAL A 103 66.10 24.77 -49.61
C VAL A 103 64.62 25.07 -49.46
N TYR A 104 63.94 25.34 -50.57
CA TYR A 104 62.52 25.64 -50.51
C TYR A 104 61.75 24.47 -49.90
N ALA A 105 62.05 23.26 -50.38
CA ALA A 105 61.39 22.05 -49.89
C ALA A 105 61.71 21.82 -48.41
N HIS A 106 62.93 22.18 -48.01
CA HIS A 106 63.32 22.02 -46.63
C HIS A 106 62.51 22.93 -45.70
N TRP A 107 62.20 24.14 -46.17
CA TRP A 107 61.41 25.07 -45.36
C TRP A 107 59.96 24.58 -45.29
N ILE A 108 59.42 24.10 -46.40
CA ILE A 108 58.05 23.61 -46.40
C ILE A 108 57.96 22.40 -45.47
N ALA A 109 58.94 21.50 -45.57
CA ALA A 109 58.96 20.32 -44.72
C ALA A 109 59.09 20.70 -43.23
N THR A 110 59.91 21.70 -42.95
CA THR A 110 60.11 22.16 -41.58
C THR A 110 58.77 22.65 -41.01
N LEU A 111 58.05 23.43 -41.80
CA LEU A 111 56.75 23.95 -41.39
C LEU A 111 55.76 22.80 -41.22
N GLU A 112 55.77 21.86 -42.14
CA GLU A 112 54.86 20.73 -42.06
C GLU A 112 55.14 19.86 -40.83
N ILE A 113 56.43 19.70 -40.51
CA ILE A 113 56.81 18.90 -39.37
C ILE A 113 56.24 19.54 -38.08
N PHE A 114 56.39 20.86 -37.95
CA PHE A 114 55.87 21.58 -36.79
C PHE A 114 54.35 21.42 -36.71
N VAL A 115 53.68 21.60 -37.85
CA VAL A 115 52.23 21.46 -37.92
C VAL A 115 51.78 20.04 -37.62
N GLY A 116 52.60 19.08 -38.02
CA GLY A 116 52.27 17.69 -37.79
C GLY A 116 52.35 17.34 -36.30
N MET A 117 53.40 17.79 -35.63
CA MET A 117 53.55 17.50 -34.21
C MET A 117 52.39 18.16 -33.49
N SER A 118 52.14 19.42 -33.83
CA SER A 118 51.06 20.20 -33.25
C SER A 118 49.73 19.47 -33.39
N SER A 119 49.42 19.06 -34.61
CA SER A 119 48.18 18.34 -34.88
C SER A 119 48.07 17.05 -34.10
N ILE A 120 49.18 16.33 -33.98
CA ILE A 120 49.19 15.08 -33.23
C ILE A 120 48.92 15.40 -31.75
N ALA A 121 49.53 16.48 -31.28
CA ALA A 121 49.37 16.90 -29.90
C ALA A 121 47.90 17.21 -29.63
N LEU A 122 47.31 18.06 -30.46
CA LEU A 122 45.91 18.44 -30.32
C LEU A 122 44.96 17.25 -30.43
N ALA A 123 45.16 16.41 -31.44
CA ALA A 123 44.29 15.26 -31.62
C ALA A 123 44.40 14.34 -30.43
N THR A 124 45.60 14.23 -29.88
CA THR A 124 45.80 13.36 -28.73
C THR A 124 45.06 13.91 -27.51
N GLY A 125 45.10 15.23 -27.34
CA GLY A 125 44.38 15.85 -26.24
C GLY A 125 42.89 15.54 -26.35
N CYS A 126 42.32 15.77 -27.53
CA CYS A 126 40.91 15.49 -27.75
C CYS A 126 40.55 14.05 -27.42
N ALA A 127 41.39 13.12 -27.85
CA ALA A 127 41.13 11.72 -27.60
C ALA A 127 41.01 11.43 -26.10
N PHE A 128 41.92 12.01 -25.32
CA PHE A 128 41.92 11.82 -23.88
C PHE A 128 40.61 12.31 -23.25
N ILE A 129 40.22 13.52 -23.61
CA ILE A 129 38.98 14.11 -23.09
C ILE A 129 37.83 13.20 -23.51
N LYS A 130 37.81 12.82 -24.79
CA LYS A 130 36.78 11.93 -25.32
C LYS A 130 36.68 10.68 -24.45
N MET A 131 37.84 10.14 -24.09
CA MET A 131 37.91 8.93 -23.26
C MET A 131 37.40 9.14 -21.84
N SER A 132 37.60 10.36 -21.32
CA SER A 132 37.20 10.71 -19.96
C SER A 132 35.71 11.01 -19.79
N GLN A 133 35.02 11.20 -20.90
CA GLN A 133 33.59 11.51 -20.89
C GLN A 133 32.72 10.36 -20.39
N PRO A 134 31.66 10.68 -19.65
CA PRO A 134 30.77 9.65 -19.13
C PRO A 134 29.82 9.24 -20.27
N LYS A 135 29.28 8.03 -20.21
CA LYS A 135 28.34 7.59 -21.24
C LYS A 135 27.09 8.47 -21.13
N LYS A 136 26.37 8.65 -22.23
CA LYS A 136 25.17 9.47 -22.24
C LYS A 136 24.16 9.03 -21.16
N ARG A 137 23.41 9.99 -20.63
CA ARG A 137 22.39 9.70 -19.62
C ARG A 137 21.49 8.58 -20.12
N ALA A 138 21.01 8.74 -21.35
CA ALA A 138 20.13 7.78 -22.00
C ALA A 138 20.48 6.33 -21.67
N GLU A 139 21.77 6.07 -21.42
CA GLU A 139 22.25 4.72 -21.11
C GLU A 139 22.84 4.55 -19.70
N THR A 140 22.68 5.56 -18.84
CA THR A 140 23.23 5.48 -17.50
C THR A 140 22.25 5.73 -16.37
N LEU A 141 21.56 6.88 -16.39
CA LEU A 141 20.61 7.23 -15.32
C LEU A 141 19.18 7.38 -15.86
N MET A 142 18.22 6.80 -15.13
CA MET A 142 16.81 6.83 -15.50
C MET A 142 15.91 7.42 -14.39
N PHE A 143 14.88 8.15 -14.79
CA PHE A 143 13.93 8.73 -13.86
C PHE A 143 12.54 8.22 -14.21
N SER A 144 11.67 8.06 -13.22
CA SER A 144 10.33 7.59 -13.50
C SER A 144 9.64 8.69 -14.31
N GLU A 145 8.75 8.30 -15.23
CA GLU A 145 8.04 9.23 -16.09
C GLU A 145 7.17 10.18 -15.27
N HIS A 146 6.57 9.66 -14.20
CA HIS A 146 5.70 10.45 -13.33
C HIS A 146 6.23 10.49 -11.90
N ALA A 147 5.68 11.43 -11.13
CA ALA A 147 6.01 11.57 -9.72
C ALA A 147 4.64 11.35 -9.12
N VAL A 148 4.59 11.09 -7.82
CA VAL A 148 3.31 10.85 -7.16
C VAL A 148 3.29 11.58 -5.82
N ILE A 149 2.08 11.70 -5.25
CA ILE A 149 1.91 12.30 -3.95
C ILE A 149 0.96 11.41 -3.17
N SER A 150 1.45 10.88 -2.05
CA SER A 150 0.62 10.05 -1.19
C SER A 150 1.26 10.01 0.18
N MET A 151 0.54 9.45 1.14
CA MET A 151 1.03 9.37 2.52
C MET A 151 2.10 8.32 2.75
N ARG A 152 3.19 8.73 3.40
CA ARG A 152 4.27 7.81 3.75
C ARG A 152 4.74 8.15 5.15
N ASP A 153 4.73 7.14 6.01
CA ASP A 153 5.15 7.31 7.39
C ASP A 153 4.44 8.48 8.06
N GLY A 154 3.14 8.61 7.80
CA GLY A 154 2.36 9.66 8.41
C GLY A 154 2.44 11.06 7.80
N LYS A 155 3.12 11.20 6.67
CA LYS A 155 3.21 12.52 6.06
C LYS A 155 2.96 12.51 4.56
N LEU A 156 2.27 13.54 4.07
CA LEU A 156 1.99 13.66 2.65
C LEU A 156 3.35 13.89 1.98
N THR A 157 3.69 13.04 1.03
CA THR A 157 4.99 13.08 0.40
C THR A 157 4.99 13.06 -1.13
N LEU A 158 5.88 13.85 -1.71
CA LEU A 158 6.05 13.91 -3.14
C LEU A 158 7.20 12.94 -3.41
N MET A 159 6.98 12.02 -4.34
CA MET A 159 7.99 11.01 -4.65
C MET A 159 8.16 10.77 -6.14
N PHE A 160 9.34 10.32 -6.52
CA PHE A 160 9.64 9.95 -7.89
C PHE A 160 10.77 8.96 -7.77
N ARG A 161 11.04 8.21 -8.84
CA ARG A 161 12.07 7.20 -8.77
C ARG A 161 13.28 7.46 -9.66
N VAL A 162 14.45 7.02 -9.18
CA VAL A 162 15.70 7.16 -9.93
C VAL A 162 16.50 5.86 -9.84
N GLY A 163 17.15 5.48 -10.94
CA GLY A 163 17.94 4.26 -10.97
C GLY A 163 19.16 4.38 -11.85
N ASN A 164 20.19 3.59 -11.57
CA ASN A 164 21.42 3.64 -12.37
C ASN A 164 21.60 2.34 -13.12
N LEU A 165 21.29 2.37 -14.42
CA LEU A 165 21.41 1.22 -15.31
C LEU A 165 22.87 0.79 -15.47
N ARG A 166 23.39 1.02 -16.67
CA ARG A 166 24.76 0.67 -17.02
C ARG A 166 25.67 1.18 -15.90
N ASN A 167 26.21 0.25 -15.12
CA ASN A 167 27.10 0.61 -14.03
C ASN A 167 28.16 1.57 -14.55
N SER A 168 27.95 2.86 -14.31
CA SER A 168 28.88 3.88 -14.74
C SER A 168 29.91 4.17 -13.66
N HIS A 169 30.08 3.22 -12.74
CA HIS A 169 31.04 3.34 -11.64
C HIS A 169 31.05 4.72 -11.01
N MET A 170 29.89 5.34 -10.81
CA MET A 170 29.91 6.67 -10.23
C MET A 170 29.74 6.72 -8.71
N VAL A 171 30.49 7.63 -8.09
CA VAL A 171 30.46 7.84 -6.66
C VAL A 171 30.09 9.31 -6.39
N SER A 172 29.97 9.68 -5.11
CA SER A 172 29.61 11.04 -4.75
C SER A 172 28.27 11.46 -5.37
N ALA A 173 27.37 10.50 -5.53
CA ALA A 173 26.05 10.76 -6.11
C ALA A 173 25.19 11.64 -5.19
N GLN A 174 24.70 12.75 -5.72
CA GLN A 174 23.89 13.67 -4.94
C GLN A 174 22.70 14.16 -5.75
N ILE A 175 21.58 14.40 -5.08
CA ILE A 175 20.40 14.87 -5.77
C ILE A 175 19.85 16.16 -5.19
N ARG A 176 19.38 17.04 -6.08
CA ARG A 176 18.78 18.33 -5.71
C ARG A 176 17.52 18.50 -6.53
N CYS A 177 16.55 19.19 -5.95
CA CYS A 177 15.27 19.40 -6.57
C CYS A 177 14.82 20.85 -6.39
N LYS A 178 14.38 21.45 -7.50
CA LYS A 178 13.91 22.83 -7.50
C LYS A 178 12.49 22.91 -8.05
N LEU A 179 11.70 23.82 -7.51
CA LEU A 179 10.37 24.03 -8.00
C LEU A 179 10.43 25.31 -8.83
N LEU A 180 10.06 25.21 -10.11
CA LEU A 180 10.06 26.38 -10.99
C LEU A 180 8.61 26.82 -11.08
N LYS A 181 8.33 28.09 -10.80
CA LYS A 181 6.96 28.57 -10.87
C LYS A 181 6.91 30.07 -11.02
N SER A 182 5.98 30.57 -11.84
CA SER A 182 5.86 32.00 -11.99
C SER A 182 5.02 32.47 -10.82
N ARG A 183 5.41 33.56 -10.18
CA ARG A 183 4.61 34.07 -9.08
C ARG A 183 4.82 35.55 -8.87
N GLN A 184 3.98 36.14 -8.05
CA GLN A 184 4.06 37.55 -7.72
C GLN A 184 4.18 37.65 -6.24
N THR A 185 5.14 38.44 -5.78
CA THR A 185 5.34 38.61 -4.36
C THR A 185 4.29 39.58 -3.85
N PRO A 186 4.02 39.53 -2.54
CA PRO A 186 3.04 40.41 -1.92
C PRO A 186 3.39 41.89 -2.18
N GLU A 187 4.66 42.17 -2.44
CA GLU A 187 5.04 43.56 -2.67
C GLU A 187 4.83 43.94 -4.13
N GLY A 188 4.40 42.97 -4.94
CA GLY A 188 4.15 43.26 -6.34
C GLY A 188 5.30 43.03 -7.31
N GLU A 189 6.27 42.19 -6.93
CA GLU A 189 7.41 41.89 -7.79
C GLU A 189 7.03 40.71 -8.69
N PHE A 190 7.32 40.83 -9.98
CA PHE A 190 6.99 39.79 -10.94
C PHE A 190 8.16 38.81 -11.03
N LEU A 191 7.89 37.54 -10.81
CA LEU A 191 8.94 36.52 -10.86
C LEU A 191 8.55 35.37 -11.78
N PRO A 192 8.79 35.54 -13.09
CA PRO A 192 8.47 34.55 -14.13
C PRO A 192 8.97 33.13 -13.86
N LEU A 193 10.25 32.95 -13.58
CA LEU A 193 10.71 31.58 -13.35
C LEU A 193 11.40 31.46 -12.01
N ASP A 194 10.65 31.75 -10.96
CA ASP A 194 11.20 31.70 -9.63
C ASP A 194 11.55 30.26 -9.22
N GLN A 195 12.69 30.09 -8.61
CA GLN A 195 13.14 28.78 -8.18
C GLN A 195 13.05 28.64 -6.67
N LEU A 196 12.25 27.67 -6.22
CA LEU A 196 12.10 27.40 -4.80
C LEU A 196 12.74 26.03 -4.51
N GLU A 197 13.43 25.94 -3.38
CA GLU A 197 14.11 24.72 -2.98
C GLU A 197 13.12 23.64 -2.54
N LEU A 198 13.33 22.42 -3.03
CA LEU A 198 12.52 21.27 -2.62
C LEU A 198 13.46 20.36 -1.84
N ASP A 199 13.28 20.34 -0.53
CA ASP A 199 14.11 19.56 0.36
C ASP A 199 13.92 18.04 0.12
N VAL A 200 14.98 17.38 -0.34
CA VAL A 200 14.95 15.95 -0.56
C VAL A 200 16.11 15.26 0.20
N GLY A 201 16.49 15.83 1.34
CA GLY A 201 17.55 15.23 2.14
C GLY A 201 18.74 16.10 2.50
N PHE A 202 18.74 17.36 2.09
CA PHE A 202 19.86 18.20 2.42
C PHE A 202 20.04 18.37 3.95
N SER A 203 18.97 18.17 4.74
CA SER A 203 19.06 18.33 6.20
C SER A 203 19.17 17.03 6.99
N THR A 204 19.53 15.93 6.32
CA THR A 204 19.69 14.65 6.99
C THR A 204 20.85 13.90 6.34
N GLY A 205 21.30 14.40 5.20
CA GLY A 205 22.36 13.74 4.49
C GLY A 205 21.79 12.71 3.53
N ALA A 206 20.46 12.58 3.55
CA ALA A 206 19.75 11.63 2.69
C ALA A 206 19.77 11.99 1.20
N ASP A 207 20.31 13.17 0.87
CA ASP A 207 20.39 13.56 -0.53
C ASP A 207 21.70 13.04 -1.13
N GLN A 208 22.52 12.42 -0.28
CA GLN A 208 23.79 11.81 -0.69
C GLN A 208 23.40 10.35 -0.86
N LEU A 209 23.11 9.97 -2.10
CA LEU A 209 22.62 8.64 -2.44
C LEU A 209 23.56 7.44 -2.59
N PHE A 210 23.07 6.27 -2.18
CA PHE A 210 23.80 5.01 -2.38
C PHE A 210 22.92 4.38 -3.48
N LEU A 211 23.20 4.79 -4.72
CA LEU A 211 22.47 4.41 -5.92
C LEU A 211 23.06 3.20 -6.63
N VAL A 212 22.52 2.04 -6.30
CA VAL A 212 22.93 0.78 -6.89
C VAL A 212 21.65 0.30 -7.57
N SER A 213 20.63 0.04 -6.74
CA SER A 213 19.32 -0.37 -7.20
C SER A 213 18.50 0.92 -7.21
N PRO A 214 17.34 0.94 -7.90
CA PRO A 214 16.51 2.15 -7.95
C PRO A 214 16.07 2.68 -6.59
N LEU A 215 15.94 3.99 -6.50
CA LEU A 215 15.52 4.61 -5.25
C LEU A 215 14.31 5.48 -5.46
N THR A 216 13.47 5.55 -4.44
CA THR A 216 12.31 6.41 -4.49
C THR A 216 12.70 7.66 -3.70
N ILE A 217 12.88 8.79 -4.38
CA ILE A 217 13.25 10.05 -3.74
C ILE A 217 12.02 10.67 -3.07
N CYS A 218 12.18 11.15 -1.83
CA CYS A 218 11.06 11.72 -1.10
C CYS A 218 11.20 13.19 -0.67
N HIS A 219 10.13 13.94 -0.92
CA HIS A 219 10.06 15.33 -0.49
C HIS A 219 8.85 15.38 0.44
N VAL A 220 9.10 15.54 1.74
CA VAL A 220 8.02 15.63 2.73
C VAL A 220 7.34 16.99 2.62
N ILE A 221 6.02 16.97 2.46
CA ILE A 221 5.28 18.22 2.35
C ILE A 221 4.84 18.72 3.73
N ASP A 222 5.48 19.79 4.20
CA ASP A 222 5.14 20.41 5.47
C ASP A 222 5.05 21.92 5.33
N ALA A 223 4.99 22.62 6.45
CA ALA A 223 4.88 24.09 6.45
C ALA A 223 5.98 24.80 5.70
N LYS A 224 7.17 24.21 5.63
CA LYS A 224 8.28 24.85 4.90
C LYS A 224 8.33 24.49 3.41
N SER A 225 7.48 23.56 3.00
CA SER A 225 7.45 23.15 1.60
C SER A 225 6.64 24.09 0.70
N PRO A 226 7.10 24.33 -0.52
CA PRO A 226 6.42 25.20 -1.49
C PRO A 226 5.05 24.57 -1.82
N PHE A 227 4.92 23.26 -1.53
CA PHE A 227 3.68 22.54 -1.78
C PHE A 227 2.79 22.45 -0.54
N TYR A 228 3.12 23.22 0.48
CA TYR A 228 2.32 23.23 1.71
C TYR A 228 0.82 23.36 1.46
N ASP A 229 0.43 24.22 0.51
CA ASP A 229 -0.99 24.40 0.24
C ASP A 229 -1.46 23.76 -1.07
N LEU A 230 -0.72 22.77 -1.57
CA LEU A 230 -1.12 22.08 -2.79
C LEU A 230 -2.14 20.98 -2.43
N SER A 231 -3.32 21.02 -3.06
CA SER A 231 -4.36 20.03 -2.81
C SER A 231 -4.66 19.36 -4.14
N GLN A 232 -5.42 18.27 -4.09
CA GLN A 232 -5.81 17.54 -5.29
C GLN A 232 -6.51 18.49 -6.26
N ARG A 233 -7.39 19.31 -5.71
CA ARG A 233 -8.14 20.28 -6.50
C ARG A 233 -7.24 21.33 -7.13
N SER A 234 -6.44 22.03 -6.31
CA SER A 234 -5.55 23.08 -6.81
C SER A 234 -4.56 22.58 -7.86
N MET A 235 -4.19 21.31 -7.77
CA MET A 235 -3.26 20.71 -8.73
C MET A 235 -3.81 20.83 -10.14
N GLN A 236 -5.13 20.75 -10.25
CA GLN A 236 -5.82 20.84 -11.53
C GLN A 236 -5.69 22.20 -12.22
N THR A 237 -5.36 23.24 -11.46
CA THR A 237 -5.22 24.57 -12.05
C THR A 237 -3.84 25.18 -11.80
N GLU A 238 -3.00 24.47 -11.05
CA GLU A 238 -1.67 24.97 -10.74
C GLU A 238 -0.76 24.80 -11.94
N GLN A 239 0.28 25.61 -11.97
CA GLN A 239 1.24 25.56 -13.04
C GLN A 239 2.65 25.62 -12.41
N PHE A 240 3.39 24.53 -12.50
CA PHE A 240 4.74 24.48 -11.93
C PHE A 240 5.54 23.41 -12.63
N GLU A 241 6.82 23.35 -12.29
CA GLU A 241 7.70 22.35 -12.87
C GLU A 241 8.75 21.99 -11.85
N VAL A 242 8.77 20.71 -11.46
CA VAL A 242 9.75 20.19 -10.51
C VAL A 242 10.95 19.75 -11.35
N VAL A 243 12.09 20.39 -11.14
CA VAL A 243 13.30 20.08 -11.87
C VAL A 243 14.20 19.25 -10.94
N VAL A 244 14.68 18.13 -11.47
CA VAL A 244 15.53 17.23 -10.71
C VAL A 244 16.92 17.20 -11.28
N ILE A 245 17.90 17.35 -10.40
CA ILE A 245 19.29 17.35 -10.77
C ILE A 245 20.06 16.30 -9.99
N LEU A 246 20.64 15.34 -10.69
CA LEU A 246 21.41 14.29 -10.06
C LEU A 246 22.85 14.39 -10.56
N GLU A 247 23.79 14.43 -9.63
CA GLU A 247 25.20 14.53 -9.99
C GLU A 247 26.00 13.42 -9.38
N GLY A 248 27.02 12.99 -10.11
CA GLY A 248 27.88 11.94 -9.62
C GLY A 248 29.25 12.05 -10.26
N ILE A 249 30.17 11.20 -9.82
CA ILE A 249 31.50 11.19 -10.39
C ILE A 249 31.77 9.81 -10.94
N VAL A 250 32.29 9.74 -12.16
CA VAL A 250 32.64 8.48 -12.80
C VAL A 250 33.94 8.03 -12.15
N GLU A 251 33.89 6.97 -11.36
CA GLU A 251 35.07 6.49 -10.64
C GLU A 251 36.31 6.29 -11.54
N THR A 252 36.17 5.48 -12.58
CA THR A 252 37.27 5.20 -13.50
C THR A 252 38.03 6.46 -13.93
N THR A 253 37.30 7.51 -14.28
CA THR A 253 37.89 8.77 -14.75
C THR A 253 37.92 9.92 -13.75
N GLY A 254 37.09 9.86 -12.72
CA GLY A 254 37.04 10.95 -11.77
C GLY A 254 36.30 12.16 -12.31
N MET A 255 35.52 11.97 -13.37
CA MET A 255 34.77 13.05 -13.99
C MET A 255 33.37 13.21 -13.38
N THR A 256 33.00 14.46 -13.10
CA THR A 256 31.69 14.76 -12.51
C THR A 256 30.64 14.87 -13.60
N CYS A 257 29.57 14.10 -13.50
CA CYS A 257 28.50 14.16 -14.49
C CYS A 257 27.17 14.54 -13.86
N GLN A 258 26.22 14.91 -14.71
CA GLN A 258 24.91 15.33 -14.25
C GLN A 258 23.80 14.86 -15.17
N ALA A 259 22.70 14.40 -14.57
CA ALA A 259 21.51 13.96 -15.30
C ALA A 259 20.36 14.81 -14.72
N ARG A 260 19.45 15.26 -15.57
CA ARG A 260 18.32 16.08 -15.16
C ARG A 260 17.02 15.58 -15.75
N THR A 261 15.92 15.86 -15.05
CA THR A 261 14.59 15.54 -15.58
C THR A 261 13.66 16.61 -15.03
N SER A 262 12.39 16.53 -15.42
CA SER A 262 11.42 17.53 -15.00
C SER A 262 10.02 16.90 -14.87
N TYR A 263 9.21 17.45 -13.97
CA TYR A 263 7.85 16.99 -13.80
C TYR A 263 6.94 18.20 -13.74
N THR A 264 6.07 18.34 -14.75
CA THR A 264 5.11 19.45 -14.78
C THR A 264 3.93 19.01 -13.91
N GLU A 265 3.01 19.91 -13.62
CA GLU A 265 1.87 19.60 -12.77
C GLU A 265 1.05 18.38 -13.24
N ASP A 266 0.94 18.19 -14.55
CA ASP A 266 0.17 17.06 -15.08
C ASP A 266 0.90 15.74 -14.99
N GLU A 267 2.19 15.78 -14.66
CA GLU A 267 3.00 14.57 -14.54
C GLU A 267 3.20 14.15 -13.08
N VAL A 268 2.44 14.77 -12.19
CA VAL A 268 2.47 14.46 -10.76
C VAL A 268 1.11 13.88 -10.44
N LEU A 269 1.07 12.62 -10.02
CA LEU A 269 -0.20 11.97 -9.73
C LEU A 269 -0.58 11.93 -8.26
N TRP A 270 -1.67 12.62 -7.93
CA TRP A 270 -2.16 12.67 -6.56
C TRP A 270 -2.82 11.34 -6.17
N GLY A 271 -2.48 10.84 -4.99
CA GLY A 271 -3.07 9.61 -4.51
C GLY A 271 -2.48 8.35 -5.13
N HIS A 272 -1.23 8.41 -5.59
CA HIS A 272 -0.59 7.25 -6.19
C HIS A 272 0.63 6.79 -5.41
N ARG A 273 1.02 5.55 -5.66
CA ARG A 273 2.16 4.90 -5.01
C ARG A 273 2.90 4.06 -6.05
N PHE A 274 4.22 3.98 -5.96
CA PHE A 274 4.98 3.18 -6.91
C PHE A 274 4.93 1.70 -6.55
N PHE A 275 5.03 0.86 -7.58
CA PHE A 275 5.09 -0.57 -7.36
C PHE A 275 6.56 -0.83 -7.01
N PRO A 276 6.82 -1.89 -6.24
CA PRO A 276 8.23 -2.13 -5.91
C PRO A 276 8.93 -2.70 -7.15
N VAL A 277 10.24 -2.55 -7.22
CA VAL A 277 11.04 -3.05 -8.33
C VAL A 277 12.09 -4.03 -7.82
N ILE A 278 12.32 -4.02 -6.52
CA ILE A 278 13.32 -4.90 -5.94
C ILE A 278 12.74 -6.21 -5.44
N SER A 279 13.44 -7.30 -5.72
CA SER A 279 13.01 -8.62 -5.27
C SER A 279 14.22 -9.48 -4.90
N LEU A 280 14.09 -10.24 -3.82
CA LEU A 280 15.18 -11.09 -3.33
C LEU A 280 15.16 -12.47 -3.99
N GLU A 281 16.23 -12.78 -4.71
CA GLU A 281 16.35 -14.07 -5.40
C GLU A 281 17.27 -15.00 -4.63
N GLU A 282 18.04 -15.81 -5.35
CA GLU A 282 18.98 -16.74 -4.74
C GLU A 282 20.38 -16.32 -5.16
N GLY A 283 21.11 -15.71 -4.23
CA GLY A 283 22.46 -15.26 -4.50
C GLY A 283 22.52 -13.77 -4.80
N PHE A 284 21.37 -13.18 -5.12
CA PHE A 284 21.30 -11.76 -5.43
C PHE A 284 19.89 -11.17 -5.38
N PHE A 285 19.84 -9.83 -5.39
CA PHE A 285 18.58 -9.11 -5.38
C PHE A 285 18.37 -8.71 -6.84
N LYS A 286 17.19 -8.97 -7.36
CA LYS A 286 16.88 -8.65 -8.75
C LYS A 286 16.03 -7.39 -8.89
N VAL A 287 16.32 -6.61 -9.92
CA VAL A 287 15.58 -5.38 -10.21
C VAL A 287 14.64 -5.55 -11.40
N ASP A 288 13.34 -5.53 -11.15
CA ASP A 288 12.38 -5.69 -12.23
C ASP A 288 12.07 -4.33 -12.85
N TYR A 289 12.77 -4.00 -13.91
CA TYR A 289 12.58 -2.72 -14.56
C TYR A 289 11.23 -2.51 -15.24
N SER A 290 10.40 -3.57 -15.32
CA SER A 290 9.09 -3.47 -15.95
C SER A 290 8.14 -2.68 -15.05
N GLN A 291 8.46 -2.64 -13.76
CA GLN A 291 7.64 -1.92 -12.78
C GLN A 291 8.21 -0.52 -12.50
N PHE A 292 9.32 -0.18 -13.14
CA PHE A 292 9.98 1.11 -12.88
C PHE A 292 9.09 2.34 -12.89
N HIS A 293 8.29 2.49 -13.94
CA HIS A 293 7.40 3.63 -14.10
C HIS A 293 6.00 3.45 -13.56
N ALA A 294 5.66 2.21 -13.21
CA ALA A 294 4.32 1.88 -12.74
C ALA A 294 3.94 2.36 -11.35
N THR A 295 2.70 2.85 -11.24
CA THR A 295 2.13 3.33 -9.98
C THR A 295 0.67 2.88 -9.92
N PHE A 296 0.08 2.88 -8.72
CA PHE A 296 -1.32 2.52 -8.54
C PHE A 296 -1.94 3.45 -7.51
N GLU A 297 -3.26 3.59 -7.55
CA GLU A 297 -3.97 4.46 -6.61
C GLU A 297 -4.07 3.86 -5.22
N VAL A 298 -3.99 4.72 -4.21
CA VAL A 298 -4.09 4.33 -2.80
C VAL A 298 -4.94 5.40 -2.10
N PRO A 299 -5.66 5.02 -1.04
CA PRO A 299 -6.51 5.95 -0.29
C PRO A 299 -5.70 7.15 0.18
N THR A 300 -6.04 8.33 -0.33
CA THR A 300 -5.34 9.57 0.01
C THR A 300 -6.32 10.73 0.14
N PRO A 301 -6.24 11.49 1.24
CA PRO A 301 -7.17 12.62 1.37
C PRO A 301 -6.91 13.64 0.27
N PRO A 302 -7.95 14.37 -0.18
CA PRO A 302 -7.79 15.36 -1.24
C PRO A 302 -7.24 16.72 -0.77
N TYR A 303 -7.29 16.95 0.54
CA TYR A 303 -6.85 18.22 1.10
C TYR A 303 -5.35 18.46 1.12
N SER A 304 -4.98 19.73 1.07
CA SER A 304 -3.58 20.11 1.15
C SER A 304 -3.16 19.93 2.61
N VAL A 305 -1.87 19.88 2.86
CA VAL A 305 -1.41 19.74 4.22
C VAL A 305 -1.89 20.96 5.01
N LYS A 306 -1.89 22.13 4.37
CA LYS A 306 -2.34 23.35 5.02
C LYS A 306 -3.81 23.28 5.45
N GLU A 307 -4.69 22.81 4.55
CA GLU A 307 -6.11 22.70 4.84
C GLU A 307 -6.31 21.75 6.03
N GLN A 308 -5.45 20.73 6.13
CA GLN A 308 -5.51 19.72 7.20
C GLN A 308 -4.94 20.18 8.55
N GLU A 309 -3.86 20.95 8.53
CA GLU A 309 -3.26 21.43 9.77
C GLU A 309 -4.11 22.54 10.33
N GLU A 310 -4.85 23.21 9.46
CA GLU A 310 -5.67 24.35 9.87
C GLU A 310 -7.20 24.19 9.82
N MET A 311 -7.70 22.97 9.70
CA MET A 311 -9.15 22.74 9.67
C MET A 311 -9.70 22.27 11.02
N ARG B 5 -21.56 -0.63 3.10
CA ARG B 5 -22.66 -1.43 2.49
C ARG B 5 -23.35 -2.30 3.53
N GLN B 6 -24.40 -3.00 3.12
CA GLN B 6 -25.13 -3.86 4.03
C GLN B 6 -24.50 -5.25 4.08
N ARG B 7 -24.02 -5.63 5.26
CA ARG B 7 -23.38 -6.92 5.43
C ARG B 7 -24.45 -7.95 5.78
N PHE B 8 -24.19 -9.20 5.40
CA PHE B 8 -25.14 -10.26 5.66
C PHE B 8 -25.07 -10.81 7.08
N VAL B 9 -23.91 -10.67 7.71
CA VAL B 9 -23.72 -11.13 9.08
C VAL B 9 -23.00 -10.03 9.85
N ASP B 10 -23.51 -9.68 11.02
CA ASP B 10 -22.88 -8.63 11.82
C ASP B 10 -21.69 -9.21 12.56
N LYS B 11 -20.80 -8.34 13.03
CA LYS B 11 -19.59 -8.73 13.74
C LYS B 11 -19.92 -9.62 14.93
N ASN B 12 -21.11 -9.43 15.50
CA ASN B 12 -21.55 -10.21 16.66
C ASN B 12 -22.17 -11.55 16.28
N GLY B 13 -22.25 -11.83 14.98
CA GLY B 13 -22.80 -13.10 14.54
C GLY B 13 -24.26 -13.10 14.10
N ARG B 14 -24.98 -12.01 14.38
CA ARG B 14 -26.39 -11.93 13.99
C ARG B 14 -26.60 -11.82 12.49
N CYS B 15 -27.50 -12.64 11.95
CA CYS B 15 -27.80 -12.61 10.53
C CYS B 15 -28.80 -11.51 10.25
N ASN B 16 -28.62 -10.79 9.15
CA ASN B 16 -29.52 -9.69 8.81
C ASN B 16 -30.59 -10.04 7.78
N VAL B 17 -31.13 -11.26 7.85
CA VAL B 17 -32.19 -11.69 6.94
C VAL B 17 -33.50 -11.01 7.29
N ASP B 32 -45.64 -16.65 21.69
CA ASP B 32 -44.98 -15.38 21.45
C ASP B 32 -44.75 -14.58 22.73
N LEU B 33 -45.79 -14.41 23.53
CA LEU B 33 -45.69 -13.66 24.78
C LEU B 33 -44.90 -14.42 25.83
N PHE B 34 -44.67 -15.71 25.58
CA PHE B 34 -43.92 -16.55 26.51
C PHE B 34 -42.46 -16.09 26.60
N THR B 35 -41.81 -16.02 25.45
CA THR B 35 -40.41 -15.61 25.39
C THR B 35 -40.28 -14.19 25.95
N THR B 36 -41.30 -13.38 25.69
CA THR B 36 -41.32 -12.00 26.17
C THR B 36 -41.17 -11.98 27.67
N LEU B 37 -42.07 -12.69 28.35
CA LEU B 37 -42.04 -12.77 29.82
C LEU B 37 -40.68 -13.23 30.29
N VAL B 38 -40.21 -14.35 29.74
CA VAL B 38 -38.90 -14.89 30.09
C VAL B 38 -37.78 -13.90 29.76
N ASP B 39 -37.88 -13.25 28.61
CA ASP B 39 -36.87 -12.28 28.20
C ASP B 39 -36.74 -11.15 29.20
N LEU B 40 -37.86 -10.73 29.76
CA LEU B 40 -37.89 -9.65 30.74
C LEU B 40 -36.82 -9.79 31.82
N LYS B 41 -36.38 -8.65 32.36
CA LYS B 41 -35.40 -8.66 33.43
C LYS B 41 -36.18 -9.14 34.66
N TRP B 42 -35.48 -9.71 35.64
CA TRP B 42 -36.14 -10.21 36.83
C TRP B 42 -37.08 -9.20 37.49
N ARG B 43 -36.58 -7.98 37.68
CA ARG B 43 -37.38 -6.92 38.30
C ARG B 43 -38.73 -6.75 37.62
N TRP B 44 -38.75 -6.83 36.29
CA TRP B 44 -39.99 -6.67 35.53
C TRP B 44 -40.75 -7.98 35.41
N PHE B 45 -40.04 -9.08 35.61
CA PHE B 45 -40.66 -10.40 35.56
C PHE B 45 -41.61 -10.50 36.75
N PHE B 46 -41.10 -10.15 37.92
CA PHE B 46 -41.90 -10.19 39.13
C PHE B 46 -42.95 -9.09 39.16
N VAL B 47 -42.57 -7.89 38.77
CA VAL B 47 -43.54 -6.79 38.74
C VAL B 47 -44.68 -7.21 37.82
N SER B 48 -44.35 -8.08 36.87
CA SER B 48 -45.31 -8.57 35.89
C SER B 48 -46.22 -9.60 36.56
N LEU B 49 -45.64 -10.51 37.35
CA LEU B 49 -46.42 -11.52 38.03
C LEU B 49 -47.31 -10.86 39.09
N ALA B 50 -46.78 -9.82 39.73
CA ALA B 50 -47.53 -9.09 40.76
C ALA B 50 -48.79 -8.52 40.16
N VAL B 51 -48.70 -8.02 38.93
CA VAL B 51 -49.86 -7.44 38.26
C VAL B 51 -50.93 -8.50 38.03
N LEU B 52 -50.53 -9.67 37.54
CA LEU B 52 -51.48 -10.75 37.30
C LEU B 52 -52.14 -11.14 38.61
N PHE B 53 -51.32 -11.22 39.66
CA PHE B 53 -51.76 -11.58 41.01
C PHE B 53 -52.89 -10.64 41.44
N LEU B 54 -52.62 -9.33 41.33
CA LEU B 54 -53.61 -8.33 41.72
C LEU B 54 -54.88 -8.41 40.88
N LEU B 55 -54.71 -8.67 39.58
CA LEU B 55 -55.85 -8.78 38.68
C LEU B 55 -56.71 -9.99 39.00
N LEU B 56 -56.06 -11.14 39.22
CA LEU B 56 -56.80 -12.36 39.55
C LEU B 56 -57.56 -12.16 40.86
N ASN B 57 -56.93 -11.50 41.82
CA ASN B 57 -57.56 -11.24 43.11
C ASN B 57 -58.70 -10.25 42.99
N THR B 58 -58.54 -9.27 42.11
CA THR B 58 -59.60 -8.28 41.90
C THR B 58 -60.78 -9.01 41.28
N ALA B 59 -60.49 -9.93 40.37
CA ALA B 59 -61.53 -10.70 39.68
C ALA B 59 -62.32 -11.62 40.62
N PHE B 60 -61.63 -12.43 41.40
CA PHE B 60 -62.31 -13.34 42.32
C PHE B 60 -63.04 -12.55 43.41
N ALA B 61 -62.47 -11.41 43.80
CA ALA B 61 -63.08 -10.57 44.82
C ALA B 61 -64.46 -10.12 44.34
N THR B 62 -64.58 -9.75 43.07
CA THR B 62 -65.86 -9.32 42.53
C THR B 62 -66.84 -10.50 42.50
N LEU B 63 -66.35 -11.69 42.17
CA LEU B 63 -67.21 -12.86 42.14
C LEU B 63 -67.83 -13.13 43.51
N TYR B 64 -67.02 -13.05 44.57
CA TYR B 64 -67.53 -13.28 45.91
C TYR B 64 -68.62 -12.26 46.22
N MET B 65 -68.39 -11.02 45.83
CA MET B 65 -69.36 -9.95 46.08
C MET B 65 -70.73 -10.18 45.44
N LEU B 66 -70.80 -11.03 44.42
CA LEU B 66 -72.05 -11.34 43.75
C LEU B 66 -73.02 -12.09 44.67
N GLY B 67 -72.48 -12.72 45.72
CA GLY B 67 -73.33 -13.45 46.64
C GLY B 67 -73.55 -12.59 47.87
N SER B 68 -74.47 -12.99 48.73
CA SER B 68 -74.72 -12.23 49.96
C SER B 68 -74.02 -12.86 51.16
N ALA B 69 -73.35 -12.02 51.95
CA ALA B 69 -72.61 -12.46 53.14
C ALA B 69 -71.89 -13.78 52.85
N PRO B 70 -71.11 -13.82 51.77
CA PRO B 70 -70.37 -15.03 51.39
C PRO B 70 -69.27 -15.43 52.35
N ILE B 71 -68.64 -14.42 52.96
CA ILE B 71 -67.49 -14.62 53.84
C ILE B 71 -67.72 -14.30 55.32
N ALA B 72 -67.39 -15.27 56.17
CA ALA B 72 -67.50 -15.07 57.60
C ALA B 72 -66.49 -13.98 58.02
N ASN B 73 -66.85 -13.18 59.00
CA ASN B 73 -65.99 -12.11 59.53
C ASN B 73 -65.31 -11.31 58.43
N GLN B 74 -66.03 -11.02 57.35
CA GLN B 74 -65.47 -10.26 56.25
C GLN B 74 -64.92 -8.91 56.71
N PHE B 75 -63.62 -8.73 56.58
CA PHE B 75 -63.00 -7.47 56.98
C PHE B 75 -61.92 -7.04 56.01
N PRO B 76 -61.99 -5.79 55.51
CA PRO B 76 -63.08 -4.88 55.88
C PRO B 76 -64.37 -5.26 55.15
N ALA B 77 -65.49 -4.71 55.61
CA ALA B 77 -66.77 -5.00 54.98
C ALA B 77 -66.65 -4.53 53.53
N GLY B 78 -67.41 -5.17 52.64
CA GLY B 78 -67.37 -4.77 51.25
C GLY B 78 -66.25 -5.41 50.44
N PHE B 79 -65.98 -4.82 49.27
CA PHE B 79 -64.97 -5.32 48.35
C PHE B 79 -63.59 -5.59 48.96
N GLY B 80 -63.16 -4.71 49.87
CA GLY B 80 -61.85 -4.87 50.48
C GLY B 80 -61.63 -6.22 51.16
N GLY B 81 -62.61 -6.64 51.94
CA GLY B 81 -62.51 -7.92 52.63
C GLY B 81 -62.53 -9.06 51.63
N ALA B 82 -63.35 -8.93 50.60
CA ALA B 82 -63.45 -9.97 49.57
C ALA B 82 -62.10 -10.11 48.85
N PHE B 83 -61.40 -8.99 48.70
CA PHE B 83 -60.11 -8.95 48.03
C PHE B 83 -59.05 -9.67 48.87
N PHE B 84 -58.96 -9.33 50.14
CA PHE B 84 -57.97 -9.96 51.00
C PHE B 84 -58.27 -11.45 51.24
N PHE B 85 -59.53 -11.82 51.28
CA PHE B 85 -59.89 -13.22 51.46
C PHE B 85 -59.45 -13.97 50.19
N SER B 86 -59.59 -13.30 49.05
CA SER B 86 -59.21 -13.87 47.77
C SER B 86 -57.70 -14.13 47.80
N VAL B 87 -56.95 -13.16 48.31
CA VAL B 87 -55.51 -13.27 48.41
C VAL B 87 -55.10 -14.52 49.21
N GLU B 88 -55.64 -14.67 50.41
CA GLU B 88 -55.31 -15.83 51.24
C GLU B 88 -55.80 -17.15 50.62
N THR B 89 -56.74 -17.05 49.69
CA THR B 89 -57.29 -18.24 49.03
C THR B 89 -56.46 -18.63 47.78
N LEU B 90 -56.24 -17.66 46.90
CA LEU B 90 -55.48 -17.87 45.68
C LEU B 90 -54.07 -18.43 45.94
N ALA B 91 -53.42 -17.91 46.98
CA ALA B 91 -52.07 -18.35 47.34
C ALA B 91 -52.05 -19.53 48.31
N THR B 92 -53.24 -20.04 48.63
CA THR B 92 -53.44 -21.18 49.54
C THR B 92 -52.90 -20.98 50.97
N VAL B 93 -52.94 -19.74 51.45
CA VAL B 93 -52.50 -19.41 52.81
C VAL B 93 -53.60 -19.88 53.80
N GLY B 94 -54.84 -19.47 53.53
CA GLY B 94 -55.96 -19.90 54.36
C GLY B 94 -55.96 -19.60 55.86
N TYR B 95 -55.74 -18.33 56.23
CA TYR B 95 -55.77 -17.94 57.64
C TYR B 95 -57.07 -18.50 58.22
N GLY B 96 -58.14 -18.40 57.43
CA GLY B 96 -59.41 -18.93 57.87
C GLY B 96 -60.26 -18.10 58.82
N ASP B 97 -59.78 -16.94 59.28
CA ASP B 97 -60.63 -16.13 60.15
C ASP B 97 -61.80 -15.76 59.22
N MET B 98 -61.45 -15.37 58.01
CA MET B 98 -62.48 -15.13 57.00
C MET B 98 -62.49 -16.49 56.31
N HIS B 99 -63.67 -17.01 55.99
CA HIS B 99 -63.77 -18.29 55.30
C HIS B 99 -65.15 -18.40 54.65
N PRO B 100 -65.29 -19.29 53.65
CA PRO B 100 -66.59 -19.44 52.97
C PRO B 100 -67.69 -19.75 53.98
N GLN B 101 -68.79 -19.03 53.85
CA GLN B 101 -69.95 -19.16 54.74
C GLN B 101 -71.18 -19.68 54.01
N THR B 102 -71.13 -19.70 52.69
CA THR B 102 -72.25 -20.16 51.87
C THR B 102 -71.78 -21.16 50.83
N VAL B 103 -72.70 -21.98 50.32
CA VAL B 103 -72.35 -22.95 49.28
C VAL B 103 -71.80 -22.21 48.07
N TYR B 104 -72.39 -21.06 47.75
CA TYR B 104 -71.91 -20.29 46.61
C TYR B 104 -70.45 -19.86 46.80
N ALA B 105 -70.13 -19.37 47.99
CA ALA B 105 -68.77 -18.94 48.30
C ALA B 105 -67.81 -20.14 48.27
N HIS B 106 -68.31 -21.30 48.67
CA HIS B 106 -67.49 -22.50 48.66
C HIS B 106 -67.11 -22.93 47.25
N TRP B 107 -68.03 -22.73 46.30
CA TRP B 107 -67.75 -23.08 44.92
C TRP B 107 -66.77 -22.08 44.32
N ILE B 108 -66.96 -20.80 44.63
CA ILE B 108 -66.04 -19.80 44.10
C ILE B 108 -64.64 -20.06 44.66
N ALA B 109 -64.57 -20.35 45.96
CA ALA B 109 -63.28 -20.62 46.61
C ALA B 109 -62.63 -21.88 46.02
N THR B 110 -63.44 -22.88 45.74
CA THR B 110 -62.93 -24.13 45.16
C THR B 110 -62.29 -23.82 43.81
N LEU B 111 -62.99 -23.04 42.99
CA LEU B 111 -62.47 -22.65 41.67
C LEU B 111 -61.21 -21.82 41.82
N GLU B 112 -61.22 -20.88 42.76
CA GLU B 112 -60.05 -20.03 42.95
C GLU B 112 -58.85 -20.84 43.42
N ILE B 113 -59.08 -21.81 44.29
CA ILE B 113 -58.00 -22.64 44.79
C ILE B 113 -57.34 -23.39 43.62
N PHE B 114 -58.16 -23.98 42.74
CA PHE B 114 -57.63 -24.68 41.57
C PHE B 114 -56.81 -23.72 40.69
N VAL B 115 -57.37 -22.55 40.42
CA VAL B 115 -56.70 -21.54 39.61
C VAL B 115 -55.42 -21.05 40.26
N GLY B 116 -55.42 -20.99 41.60
CA GLY B 116 -54.24 -20.54 42.32
C GLY B 116 -53.10 -21.54 42.22
N MET B 117 -53.40 -22.82 42.43
CA MET B 117 -52.36 -23.84 42.32
C MET B 117 -51.82 -23.81 40.89
N SER B 118 -52.74 -23.80 39.93
CA SER B 118 -52.38 -23.76 38.52
C SER B 118 -51.43 -22.59 38.23
N SER B 119 -51.84 -21.40 38.66
CA SER B 119 -51.03 -20.20 38.46
C SER B 119 -49.65 -20.32 39.10
N ILE B 120 -49.61 -20.89 40.31
CA ILE B 120 -48.34 -21.08 41.00
C ILE B 120 -47.47 -22.05 40.20
N ALA B 121 -48.10 -23.09 39.68
CA ALA B 121 -47.40 -24.10 38.90
C ALA B 121 -46.79 -23.44 37.67
N LEU B 122 -47.62 -22.74 36.91
CA LEU B 122 -47.16 -22.07 35.70
C LEU B 122 -46.07 -21.03 35.98
N ALA B 123 -46.27 -20.18 36.97
CA ALA B 123 -45.29 -19.16 37.29
C ALA B 123 -43.98 -19.82 37.70
N THR B 124 -44.07 -20.93 38.42
CA THR B 124 -42.88 -21.63 38.87
C THR B 124 -42.11 -22.18 37.66
N GLY B 125 -42.86 -22.69 36.68
CA GLY B 125 -42.23 -23.22 35.49
C GLY B 125 -41.46 -22.12 34.79
N CYS B 126 -42.11 -20.98 34.58
CA CYS B 126 -41.47 -19.84 33.93
C CYS B 126 -40.19 -19.44 34.64
N ALA B 127 -40.25 -19.38 35.97
CA ALA B 127 -39.08 -18.99 36.75
C ALA B 127 -37.89 -19.91 36.47
N PHE B 128 -38.15 -21.21 36.40
CA PHE B 128 -37.08 -22.16 36.16
C PHE B 128 -36.42 -21.94 34.81
N ILE B 129 -37.24 -21.80 33.78
CA ILE B 129 -36.74 -21.56 32.43
C ILE B 129 -35.95 -20.25 32.46
N LYS B 130 -36.53 -19.21 33.06
CA LYS B 130 -35.87 -17.92 33.18
C LYS B 130 -34.48 -18.11 33.79
N MET B 131 -34.40 -18.95 34.83
CA MET B 131 -33.14 -19.21 35.51
C MET B 131 -32.16 -19.98 34.61
N SER B 132 -32.71 -20.71 33.65
CA SER B 132 -31.93 -21.52 32.72
C SER B 132 -31.62 -20.85 31.38
N GLN B 133 -31.85 -19.53 31.30
CA GLN B 133 -31.58 -18.81 30.06
C GLN B 133 -30.36 -17.90 30.28
N THR B 140 -19.40 -15.61 25.30
CA THR B 140 -18.71 -16.83 25.71
C THR B 140 -17.38 -16.95 24.98
N LEU B 141 -17.36 -16.52 23.72
CA LEU B 141 -16.15 -16.57 22.90
C LEU B 141 -15.84 -15.20 22.31
N MET B 142 -14.68 -15.08 21.67
CA MET B 142 -14.28 -13.81 21.10
C MET B 142 -13.48 -13.94 19.81
N PHE B 143 -13.72 -13.03 18.88
CA PHE B 143 -13.00 -13.01 17.61
C PHE B 143 -12.30 -11.65 17.47
N SER B 144 -11.17 -11.62 16.79
CA SER B 144 -10.47 -10.36 16.61
C SER B 144 -11.34 -9.47 15.72
N GLU B 145 -11.30 -8.16 15.96
CA GLU B 145 -12.08 -7.21 15.20
C GLU B 145 -11.73 -7.25 13.72
N HIS B 146 -10.45 -7.39 13.42
CA HIS B 146 -9.95 -7.45 12.04
C HIS B 146 -9.26 -8.77 11.74
N ALA B 147 -9.07 -9.01 10.45
CA ALA B 147 -8.34 -10.17 9.96
C ALA B 147 -7.18 -9.51 9.25
N VAL B 148 -6.14 -10.27 8.95
CA VAL B 148 -4.98 -9.70 8.30
C VAL B 148 -4.50 -10.66 7.23
N ILE B 149 -3.64 -10.16 6.35
CA ILE B 149 -3.05 -10.95 5.29
C ILE B 149 -1.56 -10.61 5.27
N SER B 150 -0.73 -11.61 5.50
CA SER B 150 0.72 -11.41 5.46
C SER B 150 1.38 -12.77 5.29
N MET B 151 2.69 -12.75 5.06
CA MET B 151 3.43 -13.97 4.84
C MET B 151 3.68 -14.78 6.12
N ARG B 152 3.42 -16.07 6.05
CA ARG B 152 3.70 -16.95 7.18
C ARG B 152 4.22 -18.27 6.63
N ASP B 153 5.39 -18.67 7.10
CA ASP B 153 6.04 -19.89 6.64
C ASP B 153 6.13 -19.96 5.11
N GLY B 154 6.47 -18.85 4.48
CA GLY B 154 6.60 -18.81 3.03
C GLY B 154 5.33 -18.71 2.20
N LYS B 155 4.17 -18.58 2.84
CA LYS B 155 2.92 -18.50 2.10
C LYS B 155 2.03 -17.32 2.53
N LEU B 156 1.47 -16.60 1.55
CA LEU B 156 0.57 -15.47 1.84
C LEU B 156 -0.60 -16.10 2.55
N THR B 157 -0.91 -15.57 3.73
CA THR B 157 -1.96 -16.15 4.56
C THR B 157 -2.97 -15.18 5.13
N LEU B 158 -4.24 -15.59 5.12
CA LEU B 158 -5.33 -14.81 5.69
C LEU B 158 -5.48 -15.35 7.12
N MET B 159 -5.45 -14.45 8.10
CA MET B 159 -5.53 -14.85 9.50
C MET B 159 -6.44 -13.98 10.32
N PHE B 160 -6.97 -14.56 11.39
CA PHE B 160 -7.80 -13.82 12.33
C PHE B 160 -7.63 -14.59 13.63
N ARG B 161 -8.03 -13.98 14.74
CA ARG B 161 -7.85 -14.63 16.02
C ARG B 161 -9.14 -15.00 16.75
N VAL B 162 -9.08 -16.10 17.47
CA VAL B 162 -10.21 -16.59 18.25
C VAL B 162 -9.68 -16.83 19.64
N GLY B 163 -10.48 -16.51 20.64
CA GLY B 163 -10.07 -16.71 22.02
C GLY B 163 -11.27 -16.98 22.90
N ASN B 164 -11.14 -17.93 23.81
CA ASN B 164 -12.23 -18.26 24.72
C ASN B 164 -12.42 -17.15 25.74
N LEU B 165 -13.67 -16.77 25.98
CA LEU B 165 -13.97 -15.71 26.93
C LEU B 165 -14.34 -16.25 28.31
N ARG B 166 -15.35 -15.65 28.94
CA ARG B 166 -15.78 -16.06 30.27
C ARG B 166 -17.29 -16.29 30.37
N ASN B 167 -18.05 -15.81 29.40
CA ASN B 167 -19.52 -15.98 29.41
C ASN B 167 -19.85 -17.48 29.43
N SER B 168 -18.86 -18.28 29.03
CA SER B 168 -18.94 -19.74 28.99
C SER B 168 -17.52 -20.23 28.73
N HIS B 169 -17.28 -21.52 28.92
CA HIS B 169 -15.94 -22.05 28.70
C HIS B 169 -15.90 -23.39 27.98
N MET B 170 -15.28 -23.38 26.81
CA MET B 170 -15.13 -24.59 26.01
C MET B 170 -13.64 -24.67 25.69
N VAL B 171 -13.08 -25.87 25.68
CA VAL B 171 -11.66 -26.03 25.42
C VAL B 171 -11.42 -26.56 24.02
N SER B 172 -12.45 -27.17 23.45
CA SER B 172 -12.35 -27.75 22.13
C SER B 172 -13.50 -27.23 21.28
N ALA B 173 -13.23 -27.02 20.01
CA ALA B 173 -14.26 -26.54 19.10
C ALA B 173 -13.82 -26.70 17.67
N GLN B 174 -14.80 -26.88 16.78
CA GLN B 174 -14.48 -26.98 15.38
C GLN B 174 -14.76 -25.65 14.72
N ILE B 175 -13.96 -25.30 13.73
CA ILE B 175 -14.17 -24.02 13.06
C ILE B 175 -14.33 -24.19 11.54
N ARG B 176 -15.24 -23.41 10.97
CA ARG B 176 -15.52 -23.42 9.53
C ARG B 176 -15.63 -21.98 9.05
N CYS B 177 -15.18 -21.73 7.83
CA CYS B 177 -15.23 -20.40 7.24
C CYS B 177 -15.74 -20.47 5.81
N LYS B 178 -16.49 -19.44 5.41
CA LYS B 178 -17.06 -19.34 4.08
C LYS B 178 -16.87 -17.94 3.54
N LEU B 179 -16.65 -17.84 2.24
CA LEU B 179 -16.52 -16.55 1.58
C LEU B 179 -17.87 -16.28 0.93
N LEU B 180 -18.50 -15.18 1.29
CA LEU B 180 -19.77 -14.79 0.68
C LEU B 180 -19.41 -13.78 -0.40
N LYS B 181 -19.77 -14.12 -1.64
CA LYS B 181 -19.47 -13.27 -2.80
C LYS B 181 -20.36 -13.56 -4.01
N SER B 182 -21.05 -12.53 -4.48
CA SER B 182 -21.92 -12.65 -5.64
C SER B 182 -21.16 -13.11 -6.88
N ARG B 183 -21.89 -13.69 -7.83
CA ARG B 183 -21.30 -14.11 -9.09
C ARG B 183 -22.39 -14.55 -10.04
N GLN B 184 -22.05 -14.62 -11.33
CA GLN B 184 -22.99 -15.02 -12.35
C GLN B 184 -22.52 -16.29 -13.03
N THR B 185 -23.38 -17.31 -13.04
CA THR B 185 -23.05 -18.58 -13.66
C THR B 185 -22.89 -18.40 -15.16
N PRO B 186 -22.18 -19.31 -15.83
CA PRO B 186 -21.98 -19.23 -17.27
C PRO B 186 -23.31 -19.07 -18.00
N GLU B 187 -24.35 -19.71 -17.44
CA GLU B 187 -25.68 -19.67 -18.04
C GLU B 187 -26.38 -18.33 -17.82
N GLY B 188 -25.60 -17.31 -17.50
CA GLY B 188 -26.16 -15.98 -17.30
C GLY B 188 -26.95 -15.75 -16.02
N GLU B 189 -26.92 -16.71 -15.11
CA GLU B 189 -27.63 -16.55 -13.84
C GLU B 189 -26.78 -15.85 -12.78
N PHE B 190 -27.39 -14.92 -12.06
CA PHE B 190 -26.71 -14.17 -11.02
C PHE B 190 -26.99 -14.81 -9.65
N LEU B 191 -25.92 -15.13 -8.92
CA LEU B 191 -26.02 -15.74 -7.58
C LEU B 191 -25.55 -14.72 -6.55
N PRO B 192 -26.48 -13.89 -6.05
CA PRO B 192 -26.29 -12.80 -5.07
C PRO B 192 -25.45 -13.08 -3.83
N LEU B 193 -25.51 -14.30 -3.31
CA LEU B 193 -24.77 -14.64 -2.10
C LEU B 193 -24.06 -15.96 -2.22
N ASP B 194 -23.26 -16.12 -3.26
CA ASP B 194 -22.54 -17.38 -3.48
C ASP B 194 -21.56 -17.65 -2.34
N GLN B 195 -21.56 -18.89 -1.86
CA GLN B 195 -20.69 -19.30 -0.77
C GLN B 195 -19.55 -20.17 -1.25
N LEU B 196 -18.32 -19.73 -1.01
CA LEU B 196 -17.15 -20.48 -1.41
C LEU B 196 -16.44 -20.94 -0.12
N GLU B 197 -15.92 -22.16 -0.14
CA GLU B 197 -15.24 -22.72 1.01
C GLU B 197 -13.86 -22.10 1.24
N LEU B 198 -13.56 -21.77 2.49
CA LEU B 198 -12.25 -21.22 2.86
C LEU B 198 -11.61 -22.29 3.74
N ASP B 199 -10.65 -22.99 3.17
CA ASP B 199 -9.92 -24.04 3.85
C ASP B 199 -9.10 -23.48 5.03
N VAL B 200 -9.48 -23.90 6.24
CA VAL B 200 -8.77 -23.47 7.45
C VAL B 200 -8.36 -24.69 8.29
N GLY B 201 -7.98 -25.77 7.62
CA GLY B 201 -7.56 -26.96 8.35
C GLY B 201 -8.46 -28.19 8.24
N PHE B 202 -9.70 -28.00 7.78
CA PHE B 202 -10.66 -29.11 7.62
C PHE B 202 -9.99 -30.26 6.89
N SER B 203 -8.82 -29.96 6.36
CA SER B 203 -8.01 -30.92 5.63
C SER B 203 -7.18 -31.83 6.54
N THR B 204 -6.37 -31.24 7.41
CA THR B 204 -5.55 -32.06 8.29
C THR B 204 -5.57 -31.69 9.79
N GLY B 205 -6.75 -31.80 10.39
CA GLY B 205 -6.89 -31.54 11.81
C GLY B 205 -6.81 -30.12 12.33
N ALA B 206 -6.14 -29.22 11.60
CA ALA B 206 -6.01 -27.85 12.06
C ALA B 206 -7.36 -27.15 12.31
N ASP B 207 -8.43 -27.66 11.68
CA ASP B 207 -9.75 -27.05 11.84
C ASP B 207 -10.36 -27.40 13.21
N GLN B 208 -9.73 -28.32 13.91
CA GLN B 208 -10.19 -28.73 15.25
C GLN B 208 -9.32 -27.95 16.22
N LEU B 209 -9.96 -27.08 17.01
CA LEU B 209 -9.24 -26.24 17.93
C LEU B 209 -9.25 -26.67 19.37
N PHE B 210 -8.08 -26.58 20.00
CA PHE B 210 -7.95 -26.85 21.42
C PHE B 210 -7.76 -25.42 21.92
N LEU B 211 -8.81 -24.85 22.52
CA LEU B 211 -8.80 -23.48 23.00
C LEU B 211 -8.11 -23.27 24.34
N VAL B 212 -6.82 -23.59 24.40
CA VAL B 212 -6.06 -23.44 25.62
C VAL B 212 -5.37 -22.07 25.65
N SER B 213 -5.63 -21.29 24.62
CA SER B 213 -5.08 -19.93 24.49
C SER B 213 -5.68 -19.34 23.23
N PRO B 214 -5.57 -18.02 23.04
CA PRO B 214 -6.13 -17.39 21.84
C PRO B 214 -5.40 -17.95 20.63
N LEU B 215 -6.14 -18.47 19.65
CA LEU B 215 -5.51 -19.06 18.47
C LEU B 215 -5.62 -18.16 17.27
N THR B 216 -4.63 -18.23 16.40
CA THR B 216 -4.63 -17.47 15.17
C THR B 216 -5.01 -18.47 14.09
N ILE B 217 -6.21 -18.32 13.52
CA ILE B 217 -6.71 -19.22 12.47
C ILE B 217 -6.08 -18.82 11.14
N CYS B 218 -5.61 -19.80 10.37
CA CYS B 218 -4.93 -19.54 9.11
C CYS B 218 -5.55 -20.15 7.87
N HIS B 219 -5.68 -19.33 6.84
CA HIS B 219 -6.18 -19.77 5.54
C HIS B 219 -5.06 -19.46 4.56
N VAL B 220 -4.40 -20.50 4.07
CA VAL B 220 -3.30 -20.34 3.12
C VAL B 220 -3.85 -19.97 1.75
N ILE B 221 -3.34 -18.89 1.17
CA ILE B 221 -3.81 -18.44 -0.13
C ILE B 221 -2.99 -19.06 -1.25
N ASP B 222 -3.59 -20.01 -1.96
CA ASP B 222 -2.93 -20.67 -3.08
C ASP B 222 -3.90 -20.76 -4.28
N ALA B 223 -3.50 -21.52 -5.29
CA ALA B 223 -4.31 -21.67 -6.52
C ALA B 223 -5.74 -22.14 -6.27
N LYS B 224 -5.96 -22.87 -5.19
CA LYS B 224 -7.29 -23.36 -4.87
C LYS B 224 -8.14 -22.35 -4.11
N SER B 225 -7.49 -21.36 -3.51
CA SER B 225 -8.20 -20.35 -2.71
C SER B 225 -8.99 -19.35 -3.52
N PRO B 226 -10.16 -18.95 -3.01
CA PRO B 226 -11.01 -17.96 -3.68
C PRO B 226 -10.23 -16.63 -3.73
N PHE B 227 -9.22 -16.50 -2.86
CA PHE B 227 -8.40 -15.29 -2.79
C PHE B 227 -7.12 -15.37 -3.60
N TYR B 228 -7.02 -16.39 -4.44
CA TYR B 228 -5.85 -16.60 -5.27
C TYR B 228 -5.42 -15.32 -6.01
N ASP B 229 -6.38 -14.57 -6.54
CA ASP B 229 -6.04 -13.36 -7.27
C ASP B 229 -6.34 -12.06 -6.49
N LEU B 230 -6.44 -12.15 -5.17
CA LEU B 230 -6.68 -10.97 -4.36
C LEU B 230 -5.33 -10.27 -4.11
N SER B 231 -5.23 -8.99 -4.49
CA SER B 231 -4.01 -8.21 -4.28
C SER B 231 -4.37 -7.02 -3.41
N GLN B 232 -3.35 -6.30 -2.96
CA GLN B 232 -3.57 -5.12 -2.11
C GLN B 232 -4.46 -4.13 -2.84
N ARG B 233 -4.19 -3.89 -4.12
CA ARG B 233 -5.01 -2.97 -4.92
C ARG B 233 -6.46 -3.46 -5.08
N SER B 234 -6.61 -4.69 -5.59
CA SER B 234 -7.96 -5.23 -5.81
C SER B 234 -8.82 -5.24 -4.55
N MET B 235 -8.16 -5.37 -3.39
CA MET B 235 -8.88 -5.35 -2.12
C MET B 235 -9.67 -4.05 -1.98
N GLN B 236 -9.08 -2.97 -2.49
CA GLN B 236 -9.68 -1.65 -2.43
C GLN B 236 -11.02 -1.52 -3.18
N THR B 237 -11.26 -2.41 -4.13
CA THR B 237 -12.50 -2.35 -4.90
C THR B 237 -13.30 -3.65 -4.83
N GLU B 238 -12.79 -4.65 -4.12
CA GLU B 238 -13.48 -5.92 -3.99
C GLU B 238 -14.59 -5.82 -2.97
N GLN B 239 -15.56 -6.73 -3.06
CA GLN B 239 -16.67 -6.76 -2.12
C GLN B 239 -16.93 -8.21 -1.75
N PHE B 240 -16.64 -8.54 -0.50
CA PHE B 240 -16.86 -9.90 -0.04
C PHE B 240 -17.06 -9.89 1.44
N GLU B 241 -17.39 -11.06 1.97
CA GLU B 241 -17.58 -11.18 3.40
C GLU B 241 -17.16 -12.57 3.83
N VAL B 242 -16.18 -12.61 4.72
CA VAL B 242 -15.68 -13.88 5.25
C VAL B 242 -16.51 -14.16 6.49
N VAL B 243 -17.28 -15.23 6.44
CA VAL B 243 -18.12 -15.62 7.57
C VAL B 243 -17.44 -16.76 8.32
N VAL B 244 -17.37 -16.62 9.63
CA VAL B 244 -16.69 -17.59 10.49
C VAL B 244 -17.66 -18.25 11.46
N ILE B 245 -17.62 -19.57 11.55
CA ILE B 245 -18.47 -20.26 12.50
C ILE B 245 -17.68 -21.27 13.34
N LEU B 246 -17.81 -21.11 14.64
CA LEU B 246 -17.12 -21.95 15.60
C LEU B 246 -18.18 -22.68 16.43
N GLU B 247 -18.03 -24.00 16.50
CA GLU B 247 -18.95 -24.82 17.28
C GLU B 247 -18.16 -25.57 18.33
N GLY B 248 -18.62 -25.50 19.57
CA GLY B 248 -17.90 -26.18 20.62
C GLY B 248 -18.79 -26.64 21.75
N ILE B 249 -18.34 -27.67 22.45
CA ILE B 249 -19.08 -28.21 23.57
C ILE B 249 -18.66 -27.55 24.87
N VAL B 250 -19.63 -27.03 25.60
CA VAL B 250 -19.35 -26.38 26.88
C VAL B 250 -19.22 -27.50 27.91
N GLU B 251 -18.18 -27.45 28.73
CA GLU B 251 -17.98 -28.48 29.75
C GLU B 251 -19.04 -28.29 30.85
N THR B 252 -19.40 -27.04 31.10
CA THR B 252 -20.40 -26.70 32.10
C THR B 252 -21.60 -27.62 31.90
N THR B 253 -21.99 -27.80 30.65
CA THR B 253 -23.12 -28.65 30.27
C THR B 253 -22.85 -29.19 28.89
N GLY B 254 -23.01 -30.49 28.71
CA GLY B 254 -22.77 -31.12 27.41
C GLY B 254 -23.54 -30.54 26.25
N MET B 255 -23.96 -29.28 26.38
CA MET B 255 -24.71 -28.60 25.33
C MET B 255 -23.74 -27.89 24.41
N THR B 256 -23.80 -28.21 23.13
CA THR B 256 -22.94 -27.58 22.14
C THR B 256 -23.45 -26.18 21.90
N CYS B 257 -22.56 -25.21 21.88
CA CYS B 257 -22.97 -23.84 21.62
C CYS B 257 -22.09 -23.33 20.49
N GLN B 258 -22.61 -22.41 19.68
CA GLN B 258 -21.80 -21.91 18.59
C GLN B 258 -21.65 -20.40 18.63
N ALA B 259 -20.65 -19.93 17.90
CA ALA B 259 -20.35 -18.51 17.87
C ALA B 259 -19.96 -18.17 16.46
N ARG B 260 -20.26 -16.95 16.05
CA ARG B 260 -19.98 -16.55 14.69
C ARG B 260 -19.49 -15.12 14.59
N THR B 261 -18.91 -14.82 13.44
CA THR B 261 -18.47 -13.47 13.17
C THR B 261 -18.31 -13.30 11.67
N SER B 262 -17.94 -12.11 11.24
CA SER B 262 -17.81 -11.80 9.83
C SER B 262 -16.75 -10.74 9.58
N TYR B 263 -16.12 -10.80 8.42
CA TYR B 263 -15.11 -9.80 8.07
C TYR B 263 -15.38 -9.38 6.65
N THR B 264 -15.74 -8.11 6.47
CA THR B 264 -15.98 -7.56 5.15
C THR B 264 -14.60 -7.17 4.59
N GLU B 265 -14.54 -6.80 3.32
CA GLU B 265 -13.27 -6.43 2.71
C GLU B 265 -12.49 -5.33 3.44
N ASP B 266 -13.20 -4.37 4.03
CA ASP B 266 -12.55 -3.26 4.74
C ASP B 266 -12.04 -3.65 6.13
N GLU B 267 -12.40 -4.86 6.58
CA GLU B 267 -11.98 -5.32 7.90
C GLU B 267 -10.83 -6.33 7.80
N VAL B 268 -10.26 -6.43 6.61
CA VAL B 268 -9.13 -7.32 6.34
C VAL B 268 -7.93 -6.42 6.02
N LEU B 269 -6.91 -6.47 6.86
CA LEU B 269 -5.75 -5.59 6.68
C LEU B 269 -4.56 -6.24 5.99
N TRP B 270 -4.27 -5.75 4.79
CA TRP B 270 -3.16 -6.25 3.99
C TRP B 270 -1.81 -5.82 4.58
N GLY B 271 -0.90 -6.77 4.68
CA GLY B 271 0.43 -6.47 5.22
C GLY B 271 0.48 -6.28 6.73
N HIS B 272 -0.42 -6.94 7.46
CA HIS B 272 -0.44 -6.84 8.91
C HIS B 272 -0.21 -8.19 9.58
N ARG B 273 0.18 -8.13 10.85
CA ARG B 273 0.47 -9.32 11.66
C ARG B 273 -0.05 -9.05 13.06
N PHE B 274 -0.56 -10.07 13.73
CA PHE B 274 -1.07 -9.92 15.10
C PHE B 274 0.06 -9.87 16.12
N PHE B 275 -0.18 -9.15 17.22
CA PHE B 275 0.80 -9.09 18.30
C PHE B 275 0.52 -10.36 19.09
N PRO B 276 1.54 -10.90 19.76
CA PRO B 276 1.29 -12.12 20.52
C PRO B 276 0.51 -11.74 21.78
N VAL B 277 -0.24 -12.66 22.36
CA VAL B 277 -0.93 -12.34 23.60
C VAL B 277 -0.22 -13.15 24.68
N ILE B 278 0.56 -14.12 24.22
CA ILE B 278 1.34 -15.00 25.09
C ILE B 278 2.83 -14.71 24.87
N SER B 279 3.65 -14.96 25.89
CA SER B 279 5.08 -14.70 25.77
C SER B 279 5.94 -15.46 26.79
N LEU B 280 7.09 -15.95 26.33
CA LEU B 280 8.03 -16.68 27.19
C LEU B 280 9.05 -15.69 27.71
N GLU B 281 8.68 -14.96 28.77
CA GLU B 281 9.56 -13.95 29.37
C GLU B 281 10.71 -14.59 30.15
N GLU B 282 11.41 -15.52 29.51
CA GLU B 282 12.52 -16.23 30.13
C GLU B 282 12.07 -16.95 31.40
N GLY B 283 11.40 -18.09 31.23
CA GLY B 283 10.94 -18.84 32.38
C GLY B 283 9.46 -19.12 32.38
N PHE B 284 8.64 -18.09 32.59
CA PHE B 284 7.19 -18.24 32.61
C PHE B 284 6.51 -17.57 31.42
N PHE B 285 5.29 -18.00 31.13
CA PHE B 285 4.53 -17.43 30.01
C PHE B 285 3.63 -16.28 30.48
N LYS B 286 3.57 -15.22 29.68
CA LYS B 286 2.75 -14.05 30.01
C LYS B 286 1.48 -14.01 29.16
N VAL B 287 0.41 -13.46 29.72
CA VAL B 287 -0.88 -13.35 29.03
C VAL B 287 -1.27 -11.88 28.95
N ASP B 288 -2.02 -11.50 27.90
CA ASP B 288 -2.40 -10.09 27.73
C ASP B 288 -3.54 -9.81 26.75
N TYR B 289 -4.79 -9.97 27.19
CA TYR B 289 -5.97 -9.71 26.37
C TYR B 289 -5.99 -8.30 25.77
N SER B 290 -5.09 -7.45 26.21
CA SER B 290 -5.03 -6.09 25.71
C SER B 290 -4.46 -6.10 24.30
N GLN B 291 -3.76 -7.17 23.93
CA GLN B 291 -3.18 -7.31 22.60
C GLN B 291 -4.06 -8.14 21.66
N PHE B 292 -5.19 -8.63 22.16
CA PHE B 292 -6.07 -9.49 21.37
C PHE B 292 -6.39 -9.00 19.96
N HIS B 293 -6.84 -7.75 19.85
CA HIS B 293 -7.23 -7.15 18.58
C HIS B 293 -6.12 -6.41 17.85
N ALA B 294 -5.01 -6.20 18.53
CA ALA B 294 -3.88 -5.45 17.96
C ALA B 294 -3.05 -6.12 16.88
N THR B 295 -2.72 -5.34 15.86
CA THR B 295 -1.90 -5.80 14.74
C THR B 295 -0.91 -4.68 14.37
N PHE B 296 0.15 -5.04 13.65
CA PHE B 296 1.12 -4.04 13.18
C PHE B 296 1.54 -4.41 11.75
N GLU B 297 2.09 -3.45 11.02
CA GLU B 297 2.51 -3.68 9.63
C GLU B 297 3.82 -4.43 9.54
N VAL B 298 3.92 -5.25 8.51
CA VAL B 298 5.12 -6.03 8.26
C VAL B 298 5.34 -6.03 6.75
N PRO B 299 6.61 -6.08 6.31
CA PRO B 299 6.95 -6.08 4.88
C PRO B 299 6.18 -7.17 4.14
N THR B 300 5.29 -6.74 3.23
CA THR B 300 4.49 -7.67 2.46
C THR B 300 4.32 -7.17 1.04
N PRO B 301 4.60 -8.02 0.04
CA PRO B 301 4.45 -7.57 -1.34
C PRO B 301 2.98 -7.22 -1.60
N PRO B 302 2.72 -6.28 -2.52
CA PRO B 302 1.34 -5.86 -2.84
C PRO B 302 0.62 -6.80 -3.84
N TYR B 303 1.39 -7.63 -4.53
CA TYR B 303 0.82 -8.53 -5.53
C TYR B 303 0.02 -9.71 -4.99
N SER B 304 -0.94 -10.15 -5.79
CA SER B 304 -1.76 -11.30 -5.41
C SER B 304 -0.84 -12.50 -5.62
N VAL B 305 -1.22 -13.63 -5.07
CA VAL B 305 -0.42 -14.83 -5.27
C VAL B 305 -0.41 -15.13 -6.79
N LYS B 306 -1.54 -14.94 -7.46
CA LYS B 306 -1.63 -15.22 -8.89
C LYS B 306 -0.66 -14.38 -9.72
N GLU B 307 -0.60 -13.07 -9.41
CA GLU B 307 0.31 -12.18 -10.13
C GLU B 307 1.77 -12.55 -9.96
N GLN B 308 2.19 -12.90 -8.76
CA GLN B 308 3.58 -13.25 -8.62
C GLN B 308 3.88 -14.42 -9.54
N GLU B 309 2.93 -15.34 -9.66
CA GLU B 309 3.11 -16.51 -10.52
C GLU B 309 3.28 -16.12 -11.97
N GLU B 310 2.39 -15.30 -12.50
CA GLU B 310 2.50 -14.89 -13.88
C GLU B 310 3.76 -14.05 -14.15
N MET B 311 4.21 -13.34 -13.12
CA MET B 311 5.41 -12.52 -13.23
C MET B 311 6.59 -13.48 -13.37
N LEU B 312 6.49 -14.63 -12.71
CA LEU B 312 7.53 -15.65 -12.76
C LEU B 312 7.50 -16.31 -14.14
N LEU B 313 6.31 -16.60 -14.61
CA LEU B 313 6.14 -17.23 -15.91
C LEU B 313 6.66 -16.31 -17.02
N MET B 314 6.26 -15.05 -16.96
CA MET B 314 6.65 -14.08 -17.98
C MET B 314 8.11 -13.65 -17.88
N SER B 315 8.83 -14.18 -16.89
CA SER B 315 10.24 -13.82 -16.73
C SER B 315 11.15 -14.91 -17.29
N SER B 316 10.97 -16.13 -16.77
CA SER B 316 11.79 -17.26 -17.21
C SER B 316 11.77 -17.46 -18.73
N PRO B 317 12.95 -17.76 -19.31
CA PRO B 317 13.08 -17.98 -20.75
C PRO B 317 12.69 -19.42 -21.10
N LEU B 318 12.80 -20.30 -20.10
CA LEU B 318 12.46 -21.72 -20.26
C LEU B 318 10.95 -21.92 -20.22
#